data_3IHK
#
_entry.id   3IHK
#
_cell.length_a   105.157
_cell.length_b   105.157
_cell.length_c   121.383
_cell.angle_alpha   90.00
_cell.angle_beta   90.00
_cell.angle_gamma   120.00
#
_symmetry.space_group_name_H-M   'P 32 2 1'
#
loop_
_entity.id
_entity.type
_entity.pdbx_description
1 polymer 'thiamin pyrophosphokinase'
2 non-polymer 'THIAMINE DIPHOSPHATE'
3 non-polymer 'MAGNESIUM ION'
4 non-polymer 'PHOSPHATE ION'
5 water water
#
_entity_poly.entity_id   1
_entity_poly.type   'polypeptide(L)'
_entity_poly.pdbx_seq_one_letter_code
;(MSE)TKVALFSGGDLTYFTRDFDYFVGIDKGSSFLLKNQLPLDLAIGDFDSVSAEEFKQIKAKAKKLV(MSE)APAEKN
DTDTELALKTIFDCFGRVEIIVFGAFGGRIDH(MSE)LSNIFLPSDPDLAPF(MSE)RCFKLRDEQNLVEFFPAGQHQIE
QATD(MSE)VYISF(MSE)AANGAHLSIQDAKYELTEENYFQKKIYSSNEFKDKPICFSVASGYVVVIQTKDRTLEHHHH
HH
;
_entity_poly.pdbx_strand_id   A,B,C
#
# COMPACT_ATOMS: atom_id res chain seq x y z
N THR A 2 3.14 -7.59 -33.56
CA THR A 2 2.28 -6.40 -33.87
C THR A 2 2.66 -5.22 -32.99
N LYS A 3 3.66 -5.42 -32.14
CA LYS A 3 4.15 -4.36 -31.26
C LYS A 3 5.54 -3.87 -31.66
N VAL A 4 5.61 -2.61 -32.09
CA VAL A 4 6.87 -1.99 -32.47
C VAL A 4 7.47 -1.15 -31.31
N ALA A 5 8.79 -1.06 -31.26
CA ALA A 5 9.46 -0.31 -30.22
C ALA A 5 10.57 0.55 -30.85
N LEU A 6 10.56 1.85 -30.56
CA LEU A 6 11.55 2.75 -31.14
C LEU A 6 12.51 3.19 -30.05
N PHE A 7 13.80 3.03 -30.31
CA PHE A 7 14.82 3.45 -29.36
C PHE A 7 15.46 4.75 -29.85
N SER A 8 14.86 5.87 -29.45
CA SER A 8 15.34 7.19 -29.85
C SER A 8 16.75 7.51 -29.35
N GLY A 9 17.20 8.72 -29.68
CA GLY A 9 18.54 9.14 -29.27
C GLY A 9 18.61 9.75 -27.88
N GLY A 10 17.53 9.61 -27.12
CA GLY A 10 17.51 10.13 -25.78
C GLY A 10 18.28 9.23 -24.85
N ASP A 11 18.00 9.33 -23.56
CA ASP A 11 18.72 8.51 -22.61
C ASP A 11 17.90 7.28 -22.27
N LEU A 12 18.27 6.14 -22.86
CA LEU A 12 17.60 4.87 -22.64
C LEU A 12 18.04 4.14 -21.37
N THR A 13 17.74 4.70 -20.21
CA THR A 13 18.10 4.08 -18.95
C THR A 13 17.00 3.07 -18.64
N TYR A 14 15.95 3.07 -19.46
CA TYR A 14 14.80 2.19 -19.28
C TYR A 14 14.30 1.72 -20.63
N PHE A 15 13.92 0.44 -20.73
CA PHE A 15 13.41 -0.13 -21.98
C PHE A 15 12.90 -1.54 -21.75
N THR A 16 12.07 -2.02 -22.68
CA THR A 16 11.51 -3.37 -22.59
C THR A 16 11.94 -4.17 -23.80
N ARG A 17 11.88 -5.49 -23.71
CA ARG A 17 12.31 -6.34 -24.81
C ARG A 17 11.18 -7.05 -25.53
N ASP A 18 10.01 -7.10 -24.91
CA ASP A 18 8.85 -7.81 -25.47
C ASP A 18 8.23 -7.11 -26.68
N PHE A 19 8.96 -7.07 -27.80
CA PHE A 19 8.43 -6.43 -28.98
C PHE A 19 8.73 -7.22 -30.26
N ASP A 20 7.81 -7.13 -31.22
CA ASP A 20 7.93 -7.79 -32.53
C ASP A 20 8.98 -7.14 -33.39
N TYR A 21 8.85 -5.84 -33.61
CA TYR A 21 9.79 -5.09 -34.44
C TYR A 21 10.57 -4.09 -33.59
N PHE A 22 11.87 -3.92 -33.89
CA PHE A 22 12.72 -2.99 -33.18
C PHE A 22 13.30 -1.93 -34.10
N VAL A 23 12.96 -0.67 -33.85
CA VAL A 23 13.42 0.46 -34.65
C VAL A 23 14.41 1.29 -33.81
N GLY A 24 15.49 1.74 -34.43
CA GLY A 24 16.49 2.52 -33.72
C GLY A 24 16.85 3.82 -34.44
N ILE A 25 16.63 4.93 -33.77
CA ILE A 25 16.92 6.23 -34.34
C ILE A 25 18.35 6.61 -33.96
N ASP A 26 19.14 7.00 -34.96
CA ASP A 26 20.54 7.38 -34.74
C ASP A 26 21.28 6.56 -33.70
N LYS A 27 21.54 7.17 -32.55
CA LYS A 27 22.25 6.51 -31.48
C LYS A 27 21.50 5.27 -30.97
N GLY A 28 20.17 5.29 -31.05
CA GLY A 28 19.38 4.16 -30.61
C GLY A 28 19.80 2.88 -31.30
N SER A 29 20.15 3.00 -32.58
CA SER A 29 20.62 1.86 -33.38
C SER A 29 21.84 1.21 -32.71
N SER A 30 22.76 2.03 -32.24
CA SER A 30 23.95 1.51 -31.60
C SER A 30 23.61 0.93 -30.25
N PHE A 31 22.65 1.56 -29.58
CA PHE A 31 22.23 1.11 -28.25
C PHE A 31 21.63 -0.28 -28.36
N LEU A 32 20.71 -0.45 -29.29
CA LEU A 32 20.06 -1.73 -29.49
C LEU A 32 21.07 -2.87 -29.59
N LEU A 33 22.03 -2.72 -30.49
CA LEU A 33 23.04 -3.73 -30.71
C LEU A 33 23.81 -3.96 -29.43
N LYS A 34 24.28 -2.87 -28.85
CA LYS A 34 25.08 -2.93 -27.64
C LYS A 34 24.37 -3.63 -26.48
N ASN A 35 23.08 -3.92 -26.66
CA ASN A 35 22.29 -4.56 -25.62
C ASN A 35 21.76 -5.91 -26.08
N GLN A 36 22.48 -6.54 -27.01
CA GLN A 36 22.07 -7.84 -27.50
C GLN A 36 20.60 -7.82 -27.94
N LEU A 37 20.21 -6.74 -28.62
CA LEU A 37 18.84 -6.61 -29.09
C LEU A 37 18.74 -6.49 -30.60
N PRO A 38 17.63 -6.95 -31.16
CA PRO A 38 17.41 -6.91 -32.61
C PRO A 38 17.41 -5.48 -33.20
N LEU A 39 17.92 -5.34 -34.41
CA LEU A 39 17.93 -4.04 -35.08
C LEU A 39 17.31 -4.27 -36.45
N ASP A 40 15.99 -4.32 -36.48
CA ASP A 40 15.29 -4.59 -37.74
C ASP A 40 15.33 -3.39 -38.67
N LEU A 41 15.52 -2.22 -38.07
CA LEU A 41 15.58 -0.94 -38.78
C LEU A 41 16.37 0.15 -38.06
N ALA A 42 17.38 0.67 -38.77
CA ALA A 42 18.20 1.77 -38.28
C ALA A 42 17.87 2.97 -39.17
N ILE A 43 17.31 4.02 -38.59
CA ILE A 43 16.94 5.17 -39.39
C ILE A 43 17.45 6.46 -38.78
N GLY A 44 17.56 7.50 -39.61
CA GLY A 44 18.05 8.78 -39.15
C GLY A 44 19.21 9.26 -40.01
N ASP A 45 19.83 10.36 -39.61
CA ASP A 45 20.95 10.90 -40.36
C ASP A 45 22.28 10.44 -39.76
N PHE A 46 22.18 9.80 -38.59
CA PHE A 46 23.33 9.24 -37.90
C PHE A 46 24.47 10.21 -37.66
N ASP A 47 24.15 11.50 -37.57
CA ASP A 47 25.14 12.54 -37.33
C ASP A 47 25.49 12.52 -35.84
N SER A 48 24.90 11.58 -35.11
CA SER A 48 25.11 11.46 -33.68
C SER A 48 25.89 10.18 -33.33
N VAL A 49 26.56 9.59 -34.31
CA VAL A 49 27.33 8.37 -34.10
C VAL A 49 28.63 8.32 -34.89
N SER A 50 29.65 7.72 -34.28
CA SER A 50 30.96 7.63 -34.91
C SER A 50 30.96 6.71 -36.10
N ALA A 51 31.93 6.86 -36.99
CA ALA A 51 32.03 6.02 -38.17
C ALA A 51 32.26 4.57 -37.72
N GLU A 52 32.87 4.44 -36.55
CA GLU A 52 33.16 3.13 -35.96
C GLU A 52 31.84 2.43 -35.61
N GLU A 53 30.96 3.18 -34.96
CA GLU A 53 29.65 2.67 -34.59
C GLU A 53 28.80 2.44 -35.82
N PHE A 54 28.76 3.43 -36.72
CA PHE A 54 27.97 3.36 -37.94
C PHE A 54 28.42 2.24 -38.86
N LYS A 55 29.60 1.71 -38.57
CA LYS A 55 30.14 0.60 -39.36
C LYS A 55 29.44 -0.68 -38.92
N GLN A 56 29.20 -0.79 -37.62
CA GLN A 56 28.52 -1.96 -37.04
C GLN A 56 27.03 -1.91 -37.37
N ILE A 57 26.49 -0.71 -37.41
CA ILE A 57 25.07 -0.53 -37.72
C ILE A 57 24.83 -0.80 -39.20
N LYS A 58 25.74 -0.29 -40.03
CA LYS A 58 25.65 -0.43 -41.47
C LYS A 58 25.72 -1.90 -41.93
N ALA A 59 26.20 -2.78 -41.05
CA ALA A 59 26.32 -4.19 -41.38
C ALA A 59 25.78 -5.07 -40.26
N LYS A 60 24.50 -4.85 -39.94
CA LYS A 60 23.83 -5.58 -38.88
C LYS A 60 22.35 -5.26 -38.92
N ALA A 61 22.03 -4.04 -39.34
CA ALA A 61 20.65 -3.59 -39.41
C ALA A 61 19.95 -4.30 -40.55
N LYS A 62 18.86 -5.00 -40.24
CA LYS A 62 18.11 -5.72 -41.25
C LYS A 62 17.62 -4.74 -42.33
N LYS A 63 17.69 -3.45 -42.02
CA LYS A 63 17.27 -2.39 -42.94
C LYS A 63 17.85 -1.09 -42.42
N LEU A 64 18.27 -0.20 -43.31
CA LEU A 64 18.84 1.07 -42.92
C LEU A 64 18.36 2.22 -43.83
N VAL A 65 17.92 3.31 -43.22
CA VAL A 65 17.43 4.45 -43.97
C VAL A 65 18.24 5.71 -43.71
N ALA A 67 18.64 9.57 -43.89
CA ALA A 67 17.84 10.78 -43.99
C ALA A 67 18.73 12.02 -44.17
N PRO A 68 18.26 12.99 -44.95
CA PRO A 68 19.03 14.22 -45.19
C PRO A 68 19.37 14.92 -43.88
N ALA A 69 20.50 15.62 -43.86
CA ALA A 69 20.93 16.35 -42.68
C ALA A 69 19.99 17.53 -42.40
N GLU A 70 19.73 18.31 -43.44
CA GLU A 70 18.86 19.48 -43.33
C GLU A 70 17.45 19.09 -43.79
N LYS A 71 16.52 19.01 -42.84
CA LYS A 71 15.15 18.62 -43.14
C LYS A 71 14.17 19.27 -42.20
N ASN A 72 12.88 18.99 -42.37
CA ASN A 72 11.85 19.54 -41.52
C ASN A 72 11.48 18.61 -40.36
N ASP A 73 11.40 17.31 -40.64
CA ASP A 73 11.07 16.31 -39.65
C ASP A 73 12.30 15.82 -38.88
N THR A 74 12.09 15.43 -37.61
CA THR A 74 13.16 14.91 -36.77
C THR A 74 13.27 13.41 -37.04
N ASP A 75 14.44 12.83 -36.80
CA ASP A 75 14.60 11.41 -37.08
C ASP A 75 13.50 10.58 -36.47
N THR A 76 13.08 10.96 -35.27
CA THR A 76 12.03 10.21 -34.61
C THR A 76 10.70 10.41 -35.34
N GLU A 77 10.49 11.62 -35.84
CA GLU A 77 9.27 11.94 -36.56
C GLU A 77 9.29 11.15 -37.83
N LEU A 78 10.43 11.16 -38.50
CA LEU A 78 10.61 10.45 -39.74
C LEU A 78 10.43 8.95 -39.51
N ALA A 79 11.00 8.45 -38.43
CA ALA A 79 10.90 7.03 -38.11
C ALA A 79 9.43 6.60 -37.89
N LEU A 80 8.68 7.43 -37.17
CA LEU A 80 7.29 7.11 -36.89
C LEU A 80 6.47 7.19 -38.14
N LYS A 81 6.80 8.12 -39.03
CA LYS A 81 6.06 8.24 -40.28
C LYS A 81 6.33 7.04 -41.17
N THR A 82 7.59 6.62 -41.23
CA THR A 82 7.98 5.47 -42.03
C THR A 82 7.23 4.21 -41.59
N ILE A 83 7.33 3.88 -40.31
CA ILE A 83 6.64 2.69 -39.77
C ILE A 83 5.14 2.69 -40.04
N PHE A 84 4.47 3.81 -39.77
CA PHE A 84 3.04 3.88 -40.01
C PHE A 84 2.69 3.63 -41.47
N ASP A 85 3.69 3.74 -42.34
CA ASP A 85 3.47 3.50 -43.76
C ASP A 85 3.62 2.02 -44.05
N CYS A 86 4.68 1.44 -43.51
CA CYS A 86 4.95 0.02 -43.72
C CYS A 86 3.96 -0.89 -43.01
N PHE A 87 3.58 -0.54 -41.79
CA PHE A 87 2.67 -1.38 -41.01
C PHE A 87 1.26 -0.86 -40.97
N GLY A 88 1.11 0.45 -41.05
CA GLY A 88 -0.22 1.01 -40.99
C GLY A 88 -0.49 1.35 -39.53
N ARG A 89 -1.71 1.16 -39.04
CA ARG A 89 -1.99 1.47 -37.64
C ARG A 89 -1.47 0.38 -36.71
N VAL A 90 -0.22 0.52 -36.28
CA VAL A 90 0.38 -0.46 -35.37
C VAL A 90 0.58 0.20 -34.00
N GLU A 91 0.87 -0.61 -32.98
CA GLU A 91 1.10 -0.07 -31.65
C GLU A 91 2.59 0.23 -31.39
N ILE A 92 2.92 1.50 -31.18
CA ILE A 92 4.32 1.89 -30.96
C ILE A 92 4.59 2.41 -29.55
N ILE A 93 5.80 2.14 -29.05
CA ILE A 93 6.25 2.61 -27.76
C ILE A 93 7.63 3.24 -28.03
N VAL A 94 7.79 4.52 -27.69
CA VAL A 94 9.04 5.23 -27.94
C VAL A 94 9.86 5.38 -26.67
N PHE A 95 11.07 4.84 -26.70
CA PHE A 95 11.99 4.92 -25.57
C PHE A 95 13.05 5.99 -25.84
N GLY A 96 13.57 6.58 -24.77
CA GLY A 96 14.58 7.61 -24.91
C GLY A 96 14.05 8.80 -25.67
N ALA A 97 12.80 9.14 -25.44
CA ALA A 97 12.17 10.25 -26.11
C ALA A 97 12.47 11.54 -25.38
N PHE A 98 13.16 11.44 -24.25
CA PHE A 98 13.48 12.61 -23.45
C PHE A 98 14.98 12.71 -23.15
N GLY A 99 15.32 13.56 -22.18
CA GLY A 99 16.70 13.74 -21.77
C GLY A 99 17.52 14.69 -22.62
N GLY A 100 18.51 15.31 -21.99
CA GLY A 100 19.40 16.23 -22.68
C GLY A 100 18.78 17.53 -23.13
N ARG A 101 18.48 17.62 -24.42
CA ARG A 101 17.90 18.82 -25.01
C ARG A 101 16.39 18.95 -24.83
N ILE A 102 15.96 20.15 -24.44
CA ILE A 102 14.58 20.46 -24.21
C ILE A 102 13.84 20.60 -25.53
N ASP A 103 14.51 21.11 -26.56
CA ASP A 103 13.88 21.30 -27.85
C ASP A 103 13.49 19.98 -28.48
N HIS A 104 14.27 18.95 -28.22
CA HIS A 104 13.97 17.65 -28.78
C HIS A 104 12.85 17.00 -28.01
N LEU A 106 10.38 18.42 -26.37
CA LEU A 106 9.14 19.06 -26.78
C LEU A 106 8.66 18.51 -28.12
N SER A 107 9.61 18.21 -29.00
CA SER A 107 9.28 17.67 -30.30
C SER A 107 8.54 16.35 -30.14
N ASN A 108 9.01 15.51 -29.22
CA ASN A 108 8.35 14.23 -28.91
C ASN A 108 7.06 14.42 -28.12
N ILE A 109 7.05 15.36 -27.16
CA ILE A 109 5.86 15.64 -26.38
C ILE A 109 4.73 16.08 -27.30
N PHE A 110 5.08 16.83 -28.34
CA PHE A 110 4.09 17.32 -29.28
C PHE A 110 4.21 16.71 -30.67
N LEU A 111 4.42 15.40 -30.73
CA LEU A 111 4.54 14.70 -32.00
C LEU A 111 3.27 14.80 -32.84
N PRO A 112 2.10 14.68 -32.20
CA PRO A 112 0.82 14.76 -32.93
C PRO A 112 0.63 16.10 -33.65
N SER A 113 1.38 17.11 -33.24
CA SER A 113 1.27 18.42 -33.88
C SER A 113 1.57 18.36 -35.36
N ASP A 114 2.18 17.26 -35.80
CA ASP A 114 2.49 17.06 -37.21
C ASP A 114 1.24 16.49 -37.88
N PRO A 115 0.72 17.18 -38.91
CA PRO A 115 -0.47 16.76 -39.65
C PRO A 115 -0.47 15.30 -40.06
N ASP A 116 0.70 14.78 -40.44
CA ASP A 116 0.79 13.39 -40.86
C ASP A 116 0.77 12.40 -39.72
N LEU A 117 1.08 12.85 -38.51
CA LEU A 117 1.07 11.98 -37.36
C LEU A 117 -0.23 12.06 -36.59
N ALA A 118 -0.84 13.24 -36.58
CA ALA A 118 -2.09 13.41 -35.84
C ALA A 118 -3.05 12.24 -35.95
N PRO A 119 -3.31 11.74 -37.16
CA PRO A 119 -4.23 10.62 -37.34
C PRO A 119 -3.81 9.37 -36.59
N PHE A 120 -2.52 9.15 -36.43
CA PHE A 120 -2.06 7.96 -35.72
C PHE A 120 -1.63 8.26 -34.27
N ARG A 122 -2.99 8.05 -31.61
CA ARG A 122 -3.45 7.07 -30.65
C ARG A 122 -2.69 5.72 -30.75
N CYS A 123 -1.76 5.62 -31.71
CA CYS A 123 -1.00 4.38 -31.93
C CYS A 123 0.37 4.36 -31.32
N PHE A 124 0.86 5.50 -30.84
CA PHE A 124 2.20 5.54 -30.25
C PHE A 124 2.22 6.26 -28.92
N LYS A 125 3.19 5.90 -28.07
CA LYS A 125 3.35 6.46 -26.71
C LYS A 125 4.80 6.76 -26.37
N LEU A 126 5.02 7.71 -25.49
CA LEU A 126 6.37 8.03 -25.05
C LEU A 126 6.49 7.40 -23.66
N ARG A 127 7.57 6.65 -23.43
CA ARG A 127 7.73 5.98 -22.16
C ARG A 127 9.19 5.89 -21.71
N ASP A 128 9.38 5.95 -20.39
CA ASP A 128 10.71 5.84 -19.82
C ASP A 128 10.59 5.47 -18.35
N GLU A 129 11.72 5.44 -17.65
CA GLU A 129 11.76 5.10 -16.24
C GLU A 129 10.49 5.47 -15.45
N GLN A 130 10.23 6.76 -15.30
CA GLN A 130 9.08 7.20 -14.54
C GLN A 130 8.07 8.08 -15.26
N ASN A 131 7.89 7.89 -16.55
CA ASN A 131 6.95 8.73 -17.28
C ASN A 131 6.27 7.94 -18.36
N LEU A 132 5.02 8.30 -18.62
CA LEU A 132 4.24 7.65 -19.66
C LEU A 132 3.41 8.73 -20.38
N VAL A 133 3.57 8.86 -21.68
CA VAL A 133 2.84 9.89 -22.40
C VAL A 133 1.93 9.37 -23.50
N GLU A 134 0.64 9.69 -23.41
CA GLU A 134 -0.37 9.29 -24.39
C GLU A 134 -0.95 10.53 -25.08
N PHE A 135 -1.58 10.36 -26.23
CA PHE A 135 -2.15 11.49 -26.97
C PHE A 135 -3.60 11.16 -27.37
N PHE A 136 -4.52 12.09 -27.13
CA PHE A 136 -5.92 11.86 -27.46
C PHE A 136 -6.42 12.97 -28.37
N PRO A 137 -7.18 12.60 -29.43
CA PRO A 137 -7.73 13.57 -30.38
C PRO A 137 -8.80 14.38 -29.70
N ALA A 138 -9.21 15.49 -30.32
CA ALA A 138 -10.21 16.35 -29.74
C ALA A 138 -11.49 15.56 -29.51
N GLY A 139 -12.19 15.84 -28.43
CA GLY A 139 -13.42 15.11 -28.19
C GLY A 139 -13.60 14.61 -26.79
N GLN A 140 -14.41 13.58 -26.62
CA GLN A 140 -14.70 13.03 -25.29
C GLN A 140 -13.86 11.78 -25.11
N HIS A 141 -13.32 11.58 -23.91
CA HIS A 141 -12.50 10.40 -23.65
C HIS A 141 -12.49 9.97 -22.20
N GLN A 142 -12.11 8.71 -21.96
CA GLN A 142 -12.00 8.17 -20.61
C GLN A 142 -10.64 7.48 -20.51
N ILE A 143 -10.09 7.45 -19.31
CA ILE A 143 -8.79 6.84 -19.10
C ILE A 143 -8.68 6.16 -17.74
N GLU A 144 -8.15 4.95 -17.74
CA GLU A 144 -7.98 4.20 -16.51
C GLU A 144 -6.51 4.23 -16.17
N GLN A 145 -6.21 4.37 -14.89
CA GLN A 145 -4.84 4.43 -14.42
C GLN A 145 -3.97 3.25 -14.86
N ALA A 146 -2.74 3.57 -15.25
CA ALA A 146 -1.79 2.56 -15.68
C ALA A 146 -1.03 2.04 -14.47
N THR A 147 -0.58 0.79 -14.55
CA THR A 147 0.16 0.19 -13.45
C THR A 147 1.48 0.91 -13.21
N ASP A 148 1.91 0.91 -11.95
CA ASP A 148 3.16 1.54 -11.57
C ASP A 148 3.03 3.05 -11.41
N VAL A 150 1.44 6.73 -10.52
CA VAL A 150 0.63 7.27 -9.42
C VAL A 150 -0.06 8.57 -9.81
N TYR A 151 0.70 9.51 -10.35
CA TYR A 151 0.17 10.79 -10.75
C TYR A 151 -0.23 10.84 -12.21
N ILE A 152 -1.12 11.76 -12.56
CA ILE A 152 -1.58 11.93 -13.94
C ILE A 152 -1.88 13.41 -14.24
N SER A 153 -1.54 13.86 -15.44
CA SER A 153 -1.75 15.25 -15.80
C SER A 153 -2.26 15.39 -17.23
N PHE A 154 -2.99 16.46 -17.50
CA PHE A 154 -3.56 16.72 -18.82
C PHE A 154 -3.12 18.09 -19.31
N ALA A 156 -3.58 20.52 -22.99
CA ALA A 156 -4.05 20.67 -24.35
C ALA A 156 -3.07 21.48 -25.19
N ALA A 157 -2.56 20.87 -26.24
CA ALA A 157 -1.66 21.57 -27.12
C ALA A 157 -2.61 22.60 -27.74
N ASN A 158 -2.11 23.77 -28.09
CA ASN A 158 -3.02 24.76 -28.66
C ASN A 158 -4.19 25.04 -27.69
N GLY A 159 -3.89 25.87 -26.71
CA GLY A 159 -4.80 26.28 -25.65
C GLY A 159 -6.33 26.25 -25.73
N ALA A 160 -6.91 25.04 -25.73
CA ALA A 160 -8.37 24.88 -25.77
C ALA A 160 -8.76 24.48 -24.36
N HIS A 161 -9.86 25.04 -23.83
CA HIS A 161 -10.29 24.72 -22.47
C HIS A 161 -10.56 23.25 -22.22
N LEU A 162 -10.03 22.73 -21.12
CA LEU A 162 -10.18 21.31 -20.78
C LEU A 162 -11.24 21.09 -19.74
N SER A 163 -11.66 19.83 -19.65
CA SER A 163 -12.66 19.44 -18.67
C SER A 163 -12.12 18.15 -18.03
N ILE A 164 -12.21 18.04 -16.72
CA ILE A 164 -11.68 16.84 -16.06
C ILE A 164 -12.56 16.46 -14.88
N GLN A 165 -13.15 15.26 -14.95
CA GLN A 165 -14.01 14.80 -13.88
C GLN A 165 -13.66 13.40 -13.41
N ASP A 166 -14.03 13.08 -12.18
CA ASP A 166 -13.79 11.76 -11.60
C ASP A 166 -12.34 11.56 -11.16
N ALA A 167 -11.63 12.66 -11.04
CA ALA A 167 -10.25 12.65 -10.61
C ALA A 167 -10.19 13.35 -9.26
N LYS A 168 -9.10 13.19 -8.52
CA LYS A 168 -9.00 13.84 -7.22
C LYS A 168 -9.29 15.32 -7.37
N TYR A 169 -8.70 15.94 -8.39
CA TYR A 169 -8.89 17.36 -8.67
C TYR A 169 -9.63 17.49 -10.01
N GLU A 170 -10.78 18.15 -10.01
CA GLU A 170 -11.54 18.33 -11.23
C GLU A 170 -11.37 19.72 -11.82
N LEU A 171 -11.68 19.83 -13.11
CA LEU A 171 -11.57 21.11 -13.78
C LEU A 171 -12.87 21.26 -14.54
N THR A 172 -13.82 21.94 -13.92
CA THR A 172 -15.11 22.16 -14.53
C THR A 172 -15.17 23.54 -15.16
N GLU A 173 -16.18 23.76 -15.99
CA GLU A 173 -16.35 25.05 -16.66
C GLU A 173 -16.85 26.03 -15.63
N GLU A 174 -17.14 25.52 -14.43
CA GLU A 174 -17.66 26.35 -13.35
C GLU A 174 -16.60 26.78 -12.35
N ASN A 175 -15.42 26.17 -12.41
CA ASN A 175 -14.31 26.52 -11.51
C ASN A 175 -12.97 26.65 -12.26
N TYR A 176 -13.04 26.72 -13.58
CA TYR A 176 -11.85 26.79 -14.42
C TYR A 176 -10.86 27.88 -14.03
N PHE A 177 -9.57 27.53 -14.06
CA PHE A 177 -8.51 28.47 -13.75
C PHE A 177 -7.44 28.22 -14.81
N GLN A 178 -7.00 29.26 -15.50
CA GLN A 178 -6.02 29.13 -16.56
C GLN A 178 -4.65 28.55 -16.19
N LYS A 179 -4.18 27.63 -17.02
CA LYS A 179 -2.87 26.97 -16.86
C LYS A 179 -2.72 26.04 -18.04
N LYS A 180 -1.55 26.03 -18.68
CA LYS A 180 -1.28 25.14 -19.83
C LYS A 180 -1.41 23.65 -19.44
N ILE A 181 -0.68 23.24 -18.41
CA ILE A 181 -0.75 21.86 -17.99
C ILE A 181 -1.20 21.72 -16.53
N TYR A 182 -2.19 20.86 -16.30
CA TYR A 182 -2.72 20.63 -14.96
C TYR A 182 -2.10 19.34 -14.47
N SER A 183 -1.09 19.44 -13.61
CA SER A 183 -0.36 18.26 -13.13
C SER A 183 -0.70 17.81 -11.75
N SER A 184 -0.05 16.72 -11.34
CA SER A 184 -0.22 16.13 -10.02
C SER A 184 -1.64 15.66 -9.68
N ASN A 185 -2.44 15.34 -10.69
CA ASN A 185 -3.79 14.89 -10.42
C ASN A 185 -3.74 13.39 -10.13
N GLU A 186 -4.79 12.82 -9.53
CA GLU A 186 -4.77 11.39 -9.20
C GLU A 186 -6.09 10.76 -9.46
N PHE A 187 -6.10 9.45 -9.63
CA PHE A 187 -7.34 8.73 -9.86
C PHE A 187 -7.94 8.44 -8.48
N LYS A 188 -9.11 7.83 -8.45
CA LYS A 188 -9.72 7.45 -7.20
C LYS A 188 -10.78 6.35 -7.37
N ASP A 189 -10.33 5.14 -7.70
CA ASP A 189 -11.23 3.99 -7.87
C ASP A 189 -12.28 4.22 -8.97
N LYS A 190 -11.90 4.96 -10.02
CA LYS A 190 -12.82 5.23 -11.13
C LYS A 190 -12.12 5.93 -12.29
N PRO A 191 -12.59 5.67 -13.53
CA PRO A 191 -12.04 6.24 -14.75
C PRO A 191 -12.15 7.75 -14.72
N ILE A 192 -11.13 8.42 -15.24
CA ILE A 192 -11.14 9.89 -15.31
C ILE A 192 -11.70 10.35 -16.64
N CYS A 193 -12.69 11.23 -16.59
CA CYS A 193 -13.27 11.77 -17.80
C CYS A 193 -12.70 13.13 -18.18
N PHE A 194 -12.28 13.27 -19.43
CA PHE A 194 -11.73 14.54 -19.88
C PHE A 194 -12.13 14.75 -21.32
N SER A 195 -12.22 16.01 -21.74
CA SER A 195 -12.57 16.34 -23.10
C SER A 195 -12.01 17.70 -23.55
N VAL A 196 -12.01 17.94 -24.86
CA VAL A 196 -11.50 19.20 -25.40
C VAL A 196 -12.20 19.51 -26.71
N ALA A 197 -12.70 20.75 -26.83
CA ALA A 197 -13.42 21.19 -28.04
C ALA A 197 -12.68 20.91 -29.33
N SER A 198 -11.39 21.26 -29.36
CA SER A 198 -10.58 21.02 -30.55
C SER A 198 -9.14 20.61 -30.19
N GLY A 199 -8.31 20.48 -31.23
CA GLY A 199 -6.93 20.11 -31.01
C GLY A 199 -6.81 18.68 -30.53
N TYR A 200 -5.95 18.48 -29.53
CA TYR A 200 -5.74 17.17 -28.96
C TYR A 200 -5.15 17.29 -27.56
N VAL A 201 -5.43 16.32 -26.71
CA VAL A 201 -4.94 16.35 -25.35
C VAL A 201 -3.70 15.46 -25.19
N VAL A 202 -2.79 15.90 -24.33
CA VAL A 202 -1.58 15.14 -24.05
C VAL A 202 -1.63 14.67 -22.59
N VAL A 203 -1.85 13.39 -22.38
CA VAL A 203 -1.92 12.85 -21.03
C VAL A 203 -0.55 12.31 -20.61
N ILE A 204 -0.11 12.69 -19.42
CA ILE A 204 1.19 12.24 -18.91
C ILE A 204 1.07 11.58 -17.54
N GLN A 205 1.10 10.25 -17.51
CA GLN A 205 1.05 9.54 -16.25
C GLN A 205 2.48 9.42 -15.75
N THR A 206 2.68 9.69 -14.47
CA THR A 206 4.01 9.64 -13.91
C THR A 206 4.03 9.12 -12.48
N LYS A 207 5.23 8.81 -11.99
CA LYS A 207 5.37 8.30 -10.63
C LYS A 207 6.60 8.88 -9.95
N ASP A 208 6.85 8.45 -8.71
CA ASP A 208 7.99 8.91 -7.91
C ASP A 208 7.78 10.34 -7.43
N THR B 2 -19.61 18.89 14.28
CA THR B 2 -18.27 19.40 14.69
C THR B 2 -17.44 18.32 15.33
N LYS B 3 -17.97 17.72 16.38
CA LYS B 3 -17.28 16.65 17.10
C LYS B 3 -18.17 15.41 16.92
N VAL B 4 -17.65 14.38 16.25
CA VAL B 4 -18.44 13.18 16.01
C VAL B 4 -17.73 11.91 16.50
N ALA B 5 -18.46 11.10 17.26
CA ALA B 5 -17.95 9.85 17.78
C ALA B 5 -18.62 8.67 17.07
N LEU B 6 -17.80 7.71 16.62
CA LEU B 6 -18.29 6.52 15.95
C LEU B 6 -17.99 5.29 16.78
N PHE B 7 -19.03 4.54 17.10
CA PHE B 7 -18.88 3.31 17.86
C PHE B 7 -18.93 2.12 16.92
N SER B 8 -17.75 1.60 16.59
CA SER B 8 -17.62 0.48 15.67
C SER B 8 -17.95 -0.84 16.34
N GLY B 9 -17.77 -1.94 15.61
CA GLY B 9 -18.07 -3.26 16.13
C GLY B 9 -16.99 -3.95 16.95
N GLY B 10 -16.04 -3.18 17.46
CA GLY B 10 -14.97 -3.74 18.28
C GLY B 10 -15.18 -3.54 19.78
N ASP B 11 -14.15 -3.82 20.56
CA ASP B 11 -14.24 -3.67 22.00
C ASP B 11 -14.62 -2.24 22.35
N LEU B 12 -15.60 -2.08 23.22
CA LEU B 12 -16.05 -0.75 23.61
C LEU B 12 -15.99 -0.52 25.12
N THR B 13 -14.89 -0.93 25.74
CA THR B 13 -14.73 -0.72 27.17
C THR B 13 -14.25 0.70 27.46
N TYR B 14 -13.90 1.43 26.40
CA TYR B 14 -13.45 2.81 26.54
C TYR B 14 -14.19 3.72 25.56
N PHE B 15 -14.69 4.85 26.06
CA PHE B 15 -15.42 5.80 25.23
C PHE B 15 -15.69 7.09 26.00
N THR B 16 -15.65 8.22 25.30
CA THR B 16 -15.87 9.51 25.93
C THR B 16 -17.31 9.89 25.64
N ARG B 17 -17.78 10.99 26.19
CA ARG B 17 -19.15 11.44 25.98
C ARG B 17 -19.25 12.87 25.41
N ASP B 18 -18.15 13.62 25.43
CA ASP B 18 -18.19 14.99 24.91
C ASP B 18 -18.23 15.04 23.38
N PHE B 19 -19.41 14.85 22.80
CA PHE B 19 -19.54 14.88 21.36
C PHE B 19 -20.88 15.47 20.92
N ASP B 20 -20.89 16.04 19.72
CA ASP B 20 -22.10 16.67 19.19
C ASP B 20 -22.93 15.72 18.37
N TYR B 21 -22.35 14.60 17.97
CA TYR B 21 -23.07 13.65 17.11
C TYR B 21 -22.56 12.24 17.36
N PHE B 22 -23.46 11.34 17.72
CA PHE B 22 -23.07 9.97 17.99
C PHE B 22 -23.51 9.03 16.88
N VAL B 23 -22.57 8.28 16.33
CA VAL B 23 -22.88 7.34 15.25
C VAL B 23 -22.69 5.89 15.68
N GLY B 24 -23.69 5.04 15.45
CA GLY B 24 -23.59 3.64 15.81
C GLY B 24 -23.40 2.78 14.57
N ILE B 25 -22.28 2.07 14.51
CA ILE B 25 -21.99 1.21 13.38
C ILE B 25 -22.31 -0.22 13.74
N ASP B 26 -23.39 -0.74 13.17
CA ASP B 26 -23.82 -2.12 13.41
C ASP B 26 -23.96 -2.40 14.89
N LYS B 27 -23.16 -3.33 15.41
CA LYS B 27 -23.23 -3.68 16.82
C LYS B 27 -22.97 -2.48 17.70
N GLY B 28 -22.34 -1.46 17.11
CA GLY B 28 -22.01 -0.27 17.85
C GLY B 28 -23.25 0.48 18.24
N SER B 29 -24.33 0.21 17.51
CA SER B 29 -25.62 0.85 17.79
C SER B 29 -26.16 0.35 19.12
N SER B 30 -26.34 -0.95 19.23
CA SER B 30 -26.85 -1.56 20.45
C SER B 30 -26.14 -0.97 21.66
N PHE B 31 -24.82 -0.91 21.60
CA PHE B 31 -24.02 -0.38 22.70
C PHE B 31 -24.56 0.98 23.12
N LEU B 32 -24.62 1.90 22.17
CA LEU B 32 -25.11 3.23 22.45
C LEU B 32 -26.47 3.26 23.16
N LEU B 33 -27.44 2.53 22.62
CA LEU B 33 -28.77 2.47 23.22
C LEU B 33 -28.68 1.92 24.63
N LYS B 34 -28.05 0.76 24.80
CA LYS B 34 -27.87 0.16 26.11
C LYS B 34 -27.16 1.10 27.08
N ASN B 35 -26.25 1.92 26.56
CA ASN B 35 -25.50 2.86 27.38
C ASN B 35 -26.19 4.22 27.42
N GLN B 36 -27.50 4.18 27.20
CA GLN B 36 -28.34 5.38 27.22
C GLN B 36 -27.64 6.64 26.69
N LEU B 37 -27.10 6.57 25.49
CA LEU B 37 -26.42 7.70 24.86
C LEU B 37 -27.11 7.95 23.53
N PRO B 38 -27.09 9.19 23.04
CA PRO B 38 -27.73 9.56 21.76
C PRO B 38 -27.31 8.69 20.57
N LEU B 39 -28.30 8.24 19.81
CA LEU B 39 -28.04 7.43 18.63
C LEU B 39 -28.53 8.23 17.43
N ASP B 40 -27.78 9.26 17.06
CA ASP B 40 -28.13 10.13 15.93
C ASP B 40 -28.12 9.40 14.58
N LEU B 41 -27.16 8.50 14.42
CA LEU B 41 -27.08 7.75 13.17
C LEU B 41 -26.73 6.31 13.44
N ALA B 42 -27.53 5.39 12.90
CA ALA B 42 -27.30 3.96 13.03
C ALA B 42 -27.12 3.44 11.62
N ILE B 43 -25.88 3.25 11.21
CA ILE B 43 -25.57 2.79 9.87
C ILE B 43 -24.83 1.44 9.85
N GLY B 44 -25.00 0.71 8.76
CA GLY B 44 -24.33 -0.57 8.64
C GLY B 44 -25.25 -1.55 7.96
N ASP B 45 -24.84 -2.81 7.86
CA ASP B 45 -25.67 -3.83 7.22
C ASP B 45 -26.32 -4.72 8.29
N PHE B 46 -26.03 -4.40 9.55
CA PHE B 46 -26.58 -5.08 10.71
C PHE B 46 -26.60 -6.61 10.65
N ASP B 47 -25.47 -7.20 10.28
CA ASP B 47 -25.38 -8.64 10.21
C ASP B 47 -24.72 -9.14 11.49
N SER B 48 -24.34 -8.18 12.35
CA SER B 48 -23.69 -8.46 13.62
C SER B 48 -24.62 -8.23 14.79
N VAL B 49 -25.89 -7.95 14.48
CA VAL B 49 -26.93 -7.71 15.48
C VAL B 49 -28.21 -8.50 15.17
N SER B 50 -28.76 -9.15 16.19
CA SER B 50 -29.96 -9.96 16.03
C SER B 50 -31.12 -9.10 15.59
N ALA B 51 -32.15 -9.75 15.04
CA ALA B 51 -33.32 -9.04 14.59
C ALA B 51 -34.03 -8.40 15.79
N GLU B 52 -34.27 -9.21 16.81
CA GLU B 52 -34.93 -8.77 18.01
C GLU B 52 -34.21 -7.56 18.59
N GLU B 53 -32.91 -7.47 18.34
CA GLU B 53 -32.12 -6.34 18.84
C GLU B 53 -32.27 -5.18 17.87
N PHE B 54 -32.38 -5.52 16.60
CA PHE B 54 -32.51 -4.51 15.56
C PHE B 54 -33.81 -3.76 15.69
N LYS B 55 -34.77 -4.32 16.41
CA LYS B 55 -36.06 -3.66 16.60
C LYS B 55 -35.87 -2.42 17.49
N GLN B 56 -35.08 -2.58 18.54
CA GLN B 56 -34.80 -1.48 19.46
C GLN B 56 -34.09 -0.38 18.67
N ILE B 57 -33.14 -0.76 17.82
CA ILE B 57 -32.40 0.19 16.98
C ILE B 57 -33.34 0.93 16.01
N LYS B 58 -33.98 0.15 15.14
CA LYS B 58 -34.92 0.67 14.17
C LYS B 58 -35.86 1.71 14.79
N ALA B 59 -36.08 1.63 16.11
CA ALA B 59 -36.97 2.56 16.80
C ALA B 59 -36.26 3.80 17.37
N LYS B 60 -35.41 3.60 18.37
CA LYS B 60 -34.70 4.72 18.99
C LYS B 60 -33.68 5.46 18.12
N ALA B 61 -33.46 5.01 16.89
CA ALA B 61 -32.49 5.68 16.03
C ALA B 61 -33.08 6.94 15.38
N LYS B 62 -32.31 8.03 15.38
CA LYS B 62 -32.76 9.28 14.77
C LYS B 62 -32.68 9.12 13.25
N LYS B 63 -31.70 8.36 12.78
CA LYS B 63 -31.51 8.12 11.35
C LYS B 63 -30.94 6.73 11.15
N LEU B 64 -31.45 5.98 10.18
CA LEU B 64 -30.94 4.63 9.95
C LEU B 64 -30.54 4.44 8.49
N VAL B 65 -29.42 3.77 8.25
CA VAL B 65 -28.95 3.54 6.90
C VAL B 65 -28.54 2.09 6.72
N ALA B 67 -27.27 -1.30 4.58
CA ALA B 67 -26.17 -1.47 3.64
C ALA B 67 -26.11 -2.89 3.11
N PRO B 68 -25.71 -3.06 1.85
CA PRO B 68 -25.62 -4.40 1.24
C PRO B 68 -24.77 -5.33 2.10
N ALA B 69 -25.28 -6.52 2.38
CA ALA B 69 -24.57 -7.49 3.21
C ALA B 69 -23.18 -7.67 2.65
N GLU B 70 -23.08 -7.49 1.34
CA GLU B 70 -21.81 -7.62 0.63
C GLU B 70 -21.49 -6.41 -0.22
N LYS B 71 -20.46 -5.68 0.18
CA LYS B 71 -20.04 -4.49 -0.51
C LYS B 71 -18.52 -4.45 -0.63
N ASN B 72 -17.93 -3.27 -0.65
CA ASN B 72 -16.49 -3.14 -0.76
C ASN B 72 -15.87 -2.52 0.47
N ASP B 73 -16.61 -1.61 1.09
CA ASP B 73 -16.15 -0.92 2.29
C ASP B 73 -16.69 -1.56 3.59
N THR B 74 -16.00 -1.30 4.69
CA THR B 74 -16.41 -1.79 5.99
C THR B 74 -17.52 -0.84 6.44
N ASP B 75 -18.36 -1.29 7.38
CA ASP B 75 -19.44 -0.44 7.88
C ASP B 75 -18.84 0.82 8.43
N THR B 76 -17.67 0.71 9.05
CA THR B 76 -17.00 1.87 9.62
C THR B 76 -16.54 2.77 8.47
N GLU B 77 -16.10 2.14 7.40
CA GLU B 77 -15.69 2.87 6.21
C GLU B 77 -16.89 3.65 5.69
N LEU B 78 -18.05 3.02 5.69
CA LEU B 78 -19.26 3.68 5.23
C LEU B 78 -19.60 4.87 6.13
N ALA B 79 -19.55 4.62 7.43
CA ALA B 79 -19.86 5.64 8.41
C ALA B 79 -19.01 6.87 8.16
N LEU B 80 -17.69 6.70 8.17
CA LEU B 80 -16.81 7.82 7.94
C LEU B 80 -17.14 8.56 6.65
N LYS B 81 -17.35 7.81 5.57
CA LYS B 81 -17.69 8.42 4.29
C LYS B 81 -19.02 9.13 4.37
N THR B 82 -20.05 8.40 4.83
CA THR B 82 -21.39 8.96 4.96
C THR B 82 -21.40 10.26 5.73
N ILE B 83 -20.65 10.28 6.82
CA ILE B 83 -20.56 11.47 7.63
C ILE B 83 -19.83 12.59 6.91
N PHE B 84 -18.60 12.35 6.46
CA PHE B 84 -17.81 13.39 5.79
C PHE B 84 -18.59 13.95 4.63
N ASP B 85 -19.37 13.11 3.97
CA ASP B 85 -20.18 13.56 2.85
C ASP B 85 -21.36 14.44 3.29
N CYS B 86 -21.74 14.34 4.56
CA CYS B 86 -22.88 15.11 5.04
C CYS B 86 -22.48 16.40 5.71
N PHE B 87 -21.62 16.31 6.72
CA PHE B 87 -21.20 17.49 7.47
C PHE B 87 -19.92 18.13 6.94
N GLY B 88 -19.15 17.35 6.20
CA GLY B 88 -17.92 17.91 5.66
C GLY B 88 -16.74 17.46 6.50
N ARG B 89 -15.75 18.35 6.63
CA ARG B 89 -14.55 18.02 7.39
C ARG B 89 -14.72 18.33 8.87
N VAL B 90 -15.40 17.45 9.60
CA VAL B 90 -15.62 17.66 11.05
C VAL B 90 -14.50 16.98 11.79
N GLU B 91 -14.71 16.66 13.07
CA GLU B 91 -13.68 16.02 13.88
C GLU B 91 -14.20 14.67 14.37
N ILE B 92 -13.76 13.60 13.71
CA ILE B 92 -14.19 12.24 14.04
C ILE B 92 -13.30 11.58 15.07
N ILE B 93 -13.80 10.49 15.67
CA ILE B 93 -13.08 9.68 16.66
C ILE B 93 -13.77 8.33 16.73
N VAL B 94 -13.09 7.28 16.28
CA VAL B 94 -13.69 5.96 16.28
C VAL B 94 -13.40 5.18 17.53
N PHE B 95 -14.46 4.73 18.22
CA PHE B 95 -14.32 3.95 19.44
C PHE B 95 -14.57 2.49 19.09
N GLY B 96 -13.72 1.62 19.58
CA GLY B 96 -13.89 0.20 19.32
C GLY B 96 -13.43 -0.20 17.93
N ALA B 97 -12.35 0.42 17.47
CA ALA B 97 -11.82 0.11 16.16
C ALA B 97 -10.94 -1.15 16.23
N PHE B 98 -10.79 -1.69 17.43
CA PHE B 98 -9.93 -2.85 17.66
C PHE B 98 -10.72 -3.97 18.27
N GLY B 99 -10.76 -5.10 17.58
CA GLY B 99 -11.49 -6.26 18.06
C GLY B 99 -10.64 -7.52 18.00
N GLY B 100 -11.29 -8.65 18.23
CA GLY B 100 -10.60 -9.92 18.22
C GLY B 100 -10.03 -10.22 16.84
N ARG B 101 -10.81 -9.91 15.81
CA ARG B 101 -10.38 -10.13 14.45
C ARG B 101 -9.30 -9.11 14.05
N ILE B 102 -8.19 -9.61 13.51
CA ILE B 102 -7.11 -8.73 13.12
C ILE B 102 -7.37 -8.03 11.82
N ASP B 103 -8.01 -8.71 10.87
CA ASP B 103 -8.27 -8.11 9.56
C ASP B 103 -9.15 -6.88 9.65
N HIS B 104 -9.81 -6.74 10.77
CA HIS B 104 -10.66 -5.59 11.00
C HIS B 104 -9.89 -4.44 11.63
N LEU B 106 -6.57 -3.85 11.27
CA LEU B 106 -5.71 -3.39 10.20
C LEU B 106 -6.51 -2.57 9.23
N SER B 107 -7.76 -2.97 9.01
CA SER B 107 -8.63 -2.26 8.11
C SER B 107 -8.81 -0.81 8.56
N ASN B 108 -8.88 -0.59 9.88
CA ASN B 108 -9.06 0.76 10.41
C ASN B 108 -7.75 1.48 10.52
N ILE B 109 -6.72 0.77 10.94
CA ILE B 109 -5.41 1.38 11.07
C ILE B 109 -4.92 1.92 9.72
N PHE B 110 -5.33 1.26 8.63
CA PHE B 110 -4.90 1.64 7.29
C PHE B 110 -6.07 2.16 6.46
N LEU B 111 -6.88 3.01 7.09
CA LEU B 111 -8.05 3.59 6.44
C LEU B 111 -7.66 4.61 5.38
N PRO B 112 -6.69 5.47 5.65
CA PRO B 112 -6.29 6.48 4.67
C PRO B 112 -5.89 5.95 3.30
N SER B 113 -5.90 4.63 3.16
CA SER B 113 -5.55 4.01 1.90
C SER B 113 -6.69 4.11 0.90
N ASP B 114 -7.88 4.39 1.39
CA ASP B 114 -9.03 4.53 0.52
C ASP B 114 -9.06 5.95 -0.04
N PRO B 115 -8.90 6.10 -1.37
CA PRO B 115 -8.89 7.40 -2.06
C PRO B 115 -9.96 8.38 -1.56
N ASP B 116 -11.15 7.87 -1.25
CA ASP B 116 -12.21 8.74 -0.76
C ASP B 116 -11.93 9.26 0.66
N LEU B 117 -11.31 8.43 1.49
CA LEU B 117 -10.98 8.80 2.87
C LEU B 117 -9.63 9.50 3.01
N ALA B 118 -8.75 9.28 2.04
CA ALA B 118 -7.46 9.92 2.09
C ALA B 118 -7.49 11.44 2.40
N PRO B 119 -8.38 12.21 1.73
CA PRO B 119 -8.49 13.66 1.94
C PRO B 119 -8.81 14.07 3.37
N PHE B 120 -9.74 13.38 4.00
CA PHE B 120 -10.13 13.69 5.38
C PHE B 120 -9.29 12.92 6.40
N ARG B 122 -6.83 13.76 7.98
CA ARG B 122 -6.50 14.59 9.13
C ARG B 122 -7.65 14.81 10.11
N CYS B 123 -8.81 14.24 9.82
CA CYS B 123 -9.96 14.42 10.68
C CYS B 123 -10.27 13.29 11.68
N PHE B 124 -10.10 12.04 11.27
CA PHE B 124 -10.42 10.91 12.15
C PHE B 124 -9.23 10.31 12.89
N LYS B 125 -9.51 9.81 14.10
CA LYS B 125 -8.52 9.21 14.98
C LYS B 125 -9.09 7.98 15.65
N LEU B 126 -8.33 6.90 15.67
CA LEU B 126 -8.77 5.67 16.32
C LEU B 126 -8.33 5.77 17.76
N ARG B 127 -9.20 5.42 18.70
CA ARG B 127 -8.88 5.51 20.11
C ARG B 127 -9.54 4.40 20.93
N ASP B 128 -8.78 3.88 21.89
CA ASP B 128 -9.26 2.83 22.79
C ASP B 128 -8.58 3.00 24.15
N GLU B 129 -8.72 2.01 25.02
CA GLU B 129 -8.14 2.05 26.35
C GLU B 129 -6.70 2.59 26.42
N GLN B 130 -5.77 1.90 25.77
CA GLN B 130 -4.38 2.32 25.81
C GLN B 130 -3.74 2.63 24.45
N ASN B 131 -4.55 2.91 23.44
CA ASN B 131 -4.01 3.22 22.12
C ASN B 131 -4.64 4.45 21.51
N LEU B 132 -3.86 5.17 20.70
CA LEU B 132 -4.33 6.37 20.00
C LEU B 132 -3.67 6.36 18.61
N VAL B 133 -4.47 6.19 17.57
CA VAL B 133 -3.95 6.14 16.21
C VAL B 133 -4.30 7.37 15.40
N GLU B 134 -3.28 8.02 14.84
CA GLU B 134 -3.48 9.21 14.03
C GLU B 134 -2.95 8.96 12.64
N PHE B 135 -3.09 9.94 11.75
CA PHE B 135 -2.65 9.80 10.37
C PHE B 135 -2.12 11.13 9.85
N PHE B 136 -0.95 11.11 9.22
CA PHE B 136 -0.37 12.33 8.67
C PHE B 136 0.03 12.13 7.20
N PRO B 137 -0.36 13.07 6.33
CA PRO B 137 -0.06 13.02 4.90
C PRO B 137 1.43 13.12 4.65
N ALA B 138 1.85 12.85 3.42
CA ALA B 138 3.25 12.93 3.09
C ALA B 138 3.65 14.39 3.24
N GLY B 139 4.83 14.62 3.79
CA GLY B 139 5.30 15.98 3.97
C GLY B 139 5.97 16.14 5.32
N GLN B 140 6.09 17.37 5.79
CA GLN B 140 6.71 17.64 7.08
C GLN B 140 5.69 17.81 8.22
N HIS B 141 5.98 17.23 9.38
CA HIS B 141 5.08 17.32 10.53
C HIS B 141 5.79 17.36 11.88
N GLN B 142 5.09 17.93 12.86
CA GLN B 142 5.56 18.04 14.23
C GLN B 142 4.49 17.38 15.07
N ILE B 143 4.87 16.85 16.23
CA ILE B 143 3.88 16.21 17.08
C ILE B 143 4.31 16.24 18.54
N GLU B 144 3.35 16.53 19.41
CA GLU B 144 3.63 16.60 20.83
C GLU B 144 2.86 15.52 21.55
N GLN B 145 3.44 15.01 22.62
CA GLN B 145 2.83 13.93 23.38
C GLN B 145 1.44 14.23 23.91
N ALA B 146 0.56 13.23 23.83
CA ALA B 146 -0.79 13.35 24.33
C ALA B 146 -0.66 13.29 25.85
N THR B 147 -1.77 13.19 26.56
CA THR B 147 -1.69 13.13 28.01
C THR B 147 -1.29 11.73 28.48
N ASP B 148 -2.25 10.99 29.02
CA ASP B 148 -2.02 9.65 29.50
C ASP B 148 -1.01 8.77 28.71
N VAL B 150 2.40 7.40 26.77
CA VAL B 150 3.82 7.33 27.12
C VAL B 150 4.74 6.97 25.91
N TYR B 151 4.33 5.97 25.15
CA TYR B 151 5.12 5.54 24.03
C TYR B 151 4.51 6.03 22.73
N ILE B 152 5.35 6.20 21.70
CA ILE B 152 4.89 6.66 20.39
C ILE B 152 5.60 5.87 19.32
N SER B 153 4.87 5.49 18.28
CA SER B 153 5.44 4.69 17.20
C SER B 153 5.09 5.31 15.87
N PHE B 154 5.96 5.10 14.88
CA PHE B 154 5.76 5.64 13.54
C PHE B 154 5.80 4.53 12.51
N ALA B 156 5.11 3.95 8.04
CA ALA B 156 4.68 4.38 6.70
C ALA B 156 3.78 3.28 6.17
N ALA B 157 3.09 3.54 5.07
CA ALA B 157 2.18 2.56 4.53
C ALA B 157 2.63 1.98 3.18
N ASN B 158 3.35 2.77 2.40
CA ASN B 158 3.77 2.32 1.08
C ASN B 158 5.23 1.89 0.97
N GLY B 159 5.92 1.88 2.09
CA GLY B 159 7.32 1.50 2.07
C GLY B 159 8.28 2.67 1.98
N ALA B 160 7.75 3.90 1.88
CA ALA B 160 8.59 5.09 1.84
C ALA B 160 9.44 5.12 3.10
N HIS B 161 10.59 5.78 3.06
CA HIS B 161 11.44 5.83 4.25
C HIS B 161 11.03 6.95 5.18
N LEU B 162 10.77 6.60 6.44
CA LEU B 162 10.38 7.58 7.44
C LEU B 162 11.62 8.35 7.86
N SER B 163 11.41 9.45 8.57
CA SER B 163 12.51 10.28 9.05
C SER B 163 12.03 10.87 10.36
N ILE B 164 12.74 10.59 11.45
CA ILE B 164 12.32 11.08 12.75
C ILE B 164 13.41 11.90 13.41
N GLN B 165 13.01 13.00 14.04
CA GLN B 165 13.93 13.91 14.70
C GLN B 165 13.36 14.39 16.03
N ASP B 166 14.26 14.70 16.96
CA ASP B 166 13.89 15.21 18.30
C ASP B 166 13.23 14.21 19.25
N ALA B 167 13.07 12.97 18.80
CA ALA B 167 12.45 11.92 19.61
C ALA B 167 13.57 11.24 20.37
N LYS B 168 13.23 10.52 21.43
CA LYS B 168 14.23 9.82 22.20
C LYS B 168 15.13 9.08 21.22
N TYR B 169 14.53 8.27 20.36
CA TYR B 169 15.23 7.52 19.32
C TYR B 169 15.01 8.22 17.97
N GLU B 170 16.08 8.57 17.26
CA GLU B 170 15.95 9.26 15.97
C GLU B 170 16.23 8.32 14.82
N LEU B 171 15.72 8.65 13.65
CA LEU B 171 15.91 7.81 12.48
C LEU B 171 16.35 8.73 11.38
N THR B 172 17.57 8.53 10.88
CA THR B 172 18.14 9.34 9.82
C THR B 172 18.93 8.53 8.81
N GLU B 173 19.33 9.18 7.73
CA GLU B 173 20.07 8.54 6.66
C GLU B 173 21.17 7.64 7.19
N GLU B 174 22.12 8.23 7.91
CA GLU B 174 23.26 7.51 8.49
C GLU B 174 22.88 6.23 9.24
N ASN B 175 22.04 6.37 10.27
CA ASN B 175 21.65 5.22 11.08
C ASN B 175 20.33 4.54 10.67
N TYR B 176 19.92 4.71 9.41
CA TYR B 176 18.70 4.10 8.97
C TYR B 176 18.76 2.57 8.90
N PHE B 177 17.67 1.93 9.29
CA PHE B 177 17.54 0.46 9.24
C PHE B 177 16.09 0.13 8.94
N GLN B 178 15.87 -0.76 7.97
CA GLN B 178 14.52 -1.15 7.55
C GLN B 178 13.66 -1.80 8.62
N LYS B 179 12.37 -1.49 8.59
CA LYS B 179 11.36 -2.01 9.52
C LYS B 179 10.05 -1.34 9.18
N LYS B 180 8.99 -2.12 9.04
CA LYS B 180 7.70 -1.55 8.69
C LYS B 180 7.25 -0.49 9.68
N ILE B 181 7.48 -0.76 10.96
CA ILE B 181 7.10 0.16 12.01
C ILE B 181 8.22 0.29 13.04
N TYR B 182 8.38 1.50 13.57
CA TYR B 182 9.42 1.78 14.55
C TYR B 182 8.71 2.11 15.84
N SER B 183 8.34 1.08 16.60
CA SER B 183 7.60 1.27 17.84
C SER B 183 8.42 1.53 19.10
N SER B 184 7.71 1.87 20.18
CA SER B 184 8.33 2.11 21.47
C SER B 184 9.31 3.31 21.52
N ASN B 185 8.88 4.47 21.05
CA ASN B 185 9.75 5.65 21.08
C ASN B 185 9.21 6.54 22.19
N GLU B 186 9.99 7.54 22.61
CA GLU B 186 9.56 8.43 23.68
C GLU B 186 9.83 9.90 23.38
N PHE B 187 9.14 10.77 24.11
CA PHE B 187 9.29 12.21 23.96
C PHE B 187 10.41 12.74 24.86
N LYS B 188 10.87 13.96 24.62
CA LYS B 188 11.96 14.53 25.40
C LYS B 188 12.00 16.05 25.42
N ASP B 189 11.20 16.67 26.27
CA ASP B 189 11.16 18.12 26.42
C ASP B 189 10.66 18.89 25.23
N LYS B 190 10.82 18.33 24.03
CA LYS B 190 10.41 19.00 22.81
C LYS B 190 9.51 18.12 21.93
N PRO B 191 8.83 18.75 20.96
CA PRO B 191 7.94 18.04 20.04
C PRO B 191 8.79 17.20 19.06
N ILE B 192 8.27 16.06 18.64
CA ILE B 192 9.01 15.24 17.69
C ILE B 192 8.76 15.74 16.26
N CYS B 193 9.75 15.55 15.40
CA CYS B 193 9.62 15.96 14.00
C CYS B 193 9.84 14.76 13.08
N PHE B 194 8.90 14.51 12.19
CA PHE B 194 9.02 13.38 11.28
C PHE B 194 8.53 13.76 9.89
N SER B 195 8.70 12.84 8.95
CA SER B 195 8.25 13.09 7.58
C SER B 195 8.17 11.81 6.74
N VAL B 196 7.69 11.96 5.51
CA VAL B 196 7.60 10.86 4.57
C VAL B 196 7.40 11.45 3.16
N ALA B 197 8.16 10.95 2.21
CA ALA B 197 8.09 11.48 0.86
C ALA B 197 6.76 11.20 0.16
N SER B 198 6.27 9.97 0.29
CA SER B 198 5.02 9.59 -0.35
C SER B 198 4.06 8.92 0.62
N GLY B 199 2.85 8.63 0.15
CA GLY B 199 1.87 7.99 1.01
C GLY B 199 1.60 8.80 2.26
N TYR B 200 1.19 8.12 3.32
CA TYR B 200 0.91 8.78 4.61
C TYR B 200 1.63 8.06 5.76
N VAL B 201 1.49 8.59 6.97
CA VAL B 201 2.13 8.01 8.14
C VAL B 201 1.13 7.73 9.25
N VAL B 202 1.28 6.57 9.86
CA VAL B 202 0.40 6.19 10.95
C VAL B 202 1.16 6.49 12.23
N VAL B 203 0.62 7.36 13.07
CA VAL B 203 1.26 7.68 14.33
C VAL B 203 0.43 7.11 15.49
N ILE B 204 1.00 6.12 16.18
CA ILE B 204 0.33 5.45 17.30
C ILE B 204 1.02 5.78 18.62
N GLN B 205 0.25 6.29 19.57
CA GLN B 205 0.78 6.61 20.87
C GLN B 205 0.09 5.65 21.83
N THR B 206 0.82 5.10 22.79
CA THR B 206 0.26 4.15 23.75
C THR B 206 0.74 4.31 25.19
N LYS B 207 0.12 3.55 26.08
CA LYS B 207 0.46 3.51 27.51
C LYS B 207 0.46 2.03 27.92
N ASP B 208 0.98 1.73 29.10
CA ASP B 208 1.03 0.33 29.54
C ASP B 208 0.07 -0.10 30.62
N ARG B 209 -0.88 0.76 30.98
CA ARG B 209 -1.85 0.41 32.03
C ARG B 209 -2.74 -0.75 31.59
N THR C 2 12.08 -29.25 14.38
CA THR C 2 11.12 -29.32 13.24
C THR C 2 9.87 -28.44 13.43
N LYS C 3 9.32 -28.46 14.64
CA LYS C 3 8.14 -27.65 14.99
C LYS C 3 8.38 -26.89 16.30
N VAL C 4 8.71 -25.61 16.16
CA VAL C 4 8.97 -24.77 17.31
C VAL C 4 7.74 -23.89 17.62
N ALA C 5 7.57 -23.55 18.89
CA ALA C 5 6.43 -22.74 19.32
C ALA C 5 6.97 -21.51 20.04
N LEU C 6 6.34 -20.37 19.79
CA LEU C 6 6.74 -19.10 20.41
C LEU C 6 5.66 -18.54 21.30
N PHE C 7 6.04 -18.21 22.53
CA PHE C 7 5.13 -17.65 23.49
C PHE C 7 5.58 -16.23 23.87
N SER C 8 4.96 -15.22 23.27
CA SER C 8 5.32 -13.84 23.53
C SER C 8 4.60 -13.21 24.72
N GLY C 9 4.72 -11.89 24.84
CA GLY C 9 4.10 -11.15 25.92
C GLY C 9 2.75 -10.48 25.62
N GLY C 10 1.96 -11.13 24.76
CA GLY C 10 0.65 -10.60 24.46
C GLY C 10 -0.35 -11.22 25.41
N ASP C 11 -1.49 -11.66 24.85
CA ASP C 11 -2.54 -12.28 25.66
C ASP C 11 -2.72 -13.73 25.23
N LEU C 12 -1.89 -14.58 25.82
CA LEU C 12 -1.87 -16.03 25.53
C LEU C 12 -3.02 -16.78 26.12
N THR C 13 -4.23 -16.47 25.67
CA THR C 13 -5.40 -17.17 26.18
C THR C 13 -5.48 -18.49 25.44
N TYR C 14 -5.04 -18.49 24.18
CA TYR C 14 -5.04 -19.68 23.33
C TYR C 14 -3.63 -20.13 22.94
N PHE C 15 -3.43 -21.44 22.88
CA PHE C 15 -2.14 -22.03 22.53
C PHE C 15 -2.26 -23.54 22.41
N THR C 16 -1.25 -24.18 21.81
CA THR C 16 -1.24 -25.62 21.63
C THR C 16 0.04 -26.15 22.25
N ARG C 17 0.14 -27.47 22.37
CA ARG C 17 1.32 -28.08 22.98
C ARG C 17 1.96 -29.18 22.12
N ASP C 18 1.42 -29.40 20.93
CA ASP C 18 1.96 -30.41 20.05
C ASP C 18 3.19 -29.88 19.28
N PHE C 19 4.26 -29.59 20.00
CA PHE C 19 5.46 -29.07 19.35
C PHE C 19 6.70 -29.81 19.81
N ASP C 20 7.85 -29.45 19.22
CA ASP C 20 9.13 -30.09 19.54
C ASP C 20 10.09 -29.15 20.26
N TYR C 21 9.84 -27.85 20.19
CA TYR C 21 10.69 -26.86 20.85
C TYR C 21 9.86 -25.65 21.28
N PHE C 22 9.93 -25.34 22.57
CA PHE C 22 9.15 -24.24 23.11
C PHE C 22 10.03 -23.10 23.59
N VAL C 23 9.83 -21.93 22.99
CA VAL C 23 10.56 -20.71 23.34
C VAL C 23 9.64 -19.70 24.05
N GLY C 24 10.10 -19.17 25.18
CA GLY C 24 9.27 -18.22 25.89
C GLY C 24 9.86 -16.83 25.95
N ILE C 25 9.18 -15.85 25.38
CA ILE C 25 9.66 -14.47 25.39
C ILE C 25 9.16 -13.73 26.63
N ASP C 26 10.10 -13.24 27.45
CA ASP C 26 9.75 -12.50 28.67
C ASP C 26 8.78 -13.28 29.57
N LYS C 27 7.65 -12.67 29.86
CA LYS C 27 6.62 -13.27 30.70
C LYS C 27 6.15 -14.60 30.13
N GLY C 28 6.19 -14.74 28.80
CA GLY C 28 5.75 -15.98 28.18
C GLY C 28 6.48 -17.19 28.75
N SER C 29 7.63 -16.93 29.34
CA SER C 29 8.45 -17.98 29.94
C SER C 29 7.72 -18.59 31.15
N SER C 30 7.13 -17.73 31.97
CA SER C 30 6.39 -18.15 33.16
C SER C 30 5.08 -18.84 32.76
N PHE C 31 4.50 -18.36 31.66
CA PHE C 31 3.24 -18.91 31.18
C PHE C 31 3.48 -20.32 30.71
N LEU C 32 4.66 -20.54 30.15
CA LEU C 32 5.05 -21.84 29.62
C LEU C 32 5.29 -22.84 30.76
N LEU C 33 5.75 -22.32 31.89
CA LEU C 33 6.01 -23.14 33.07
C LEU C 33 4.70 -23.45 33.81
N LYS C 34 3.94 -22.41 34.15
CA LYS C 34 2.68 -22.55 34.88
C LYS C 34 1.77 -23.56 34.20
N ASN C 35 1.80 -23.58 32.88
CA ASN C 35 0.98 -24.51 32.13
C ASN C 35 1.71 -25.80 31.81
N GLN C 36 2.69 -26.12 32.66
CA GLN C 36 3.48 -27.34 32.59
C GLN C 36 3.90 -27.76 31.19
N LEU C 37 4.78 -26.96 30.59
CA LEU C 37 5.27 -27.21 29.24
C LEU C 37 6.76 -26.98 29.25
N PRO C 38 7.49 -27.64 28.35
CA PRO C 38 8.95 -27.48 28.29
C PRO C 38 9.34 -26.01 28.13
N LEU C 39 10.60 -25.72 28.39
CA LEU C 39 11.11 -24.36 28.25
C LEU C 39 12.51 -24.46 27.67
N ASP C 40 12.58 -24.97 26.44
CA ASP C 40 13.86 -25.14 25.74
C ASP C 40 14.64 -23.83 25.61
N LEU C 41 13.98 -22.69 25.84
CA LEU C 41 14.64 -21.40 25.73
C LEU C 41 13.84 -20.22 26.28
N ALA C 42 14.52 -19.35 27.02
CA ALA C 42 13.93 -18.15 27.61
C ALA C 42 14.73 -17.05 26.98
N ILE C 43 14.07 -16.00 26.49
CA ILE C 43 14.80 -14.93 25.84
C ILE C 43 14.09 -13.59 25.89
N GLY C 44 14.88 -12.51 25.79
CA GLY C 44 14.34 -11.17 25.84
C GLY C 44 15.01 -10.31 26.89
N ASP C 45 14.47 -9.12 27.13
CA ASP C 45 15.03 -8.22 28.13
C ASP C 45 14.39 -8.49 29.48
N PHE C 46 13.34 -9.31 29.49
CA PHE C 46 12.64 -9.67 30.73
C PHE C 46 12.22 -8.52 31.63
N ASP C 47 12.23 -7.30 31.09
CA ASP C 47 11.83 -6.11 31.86
C ASP C 47 10.38 -6.28 32.30
N SER C 48 9.76 -7.37 31.87
CA SER C 48 8.37 -7.64 32.18
C SER C 48 8.18 -8.49 33.42
N VAL C 49 9.21 -9.28 33.74
CA VAL C 49 9.13 -10.19 34.88
C VAL C 49 9.80 -9.70 36.15
N SER C 50 9.39 -10.28 37.27
CA SER C 50 9.94 -9.96 38.59
C SER C 50 11.11 -10.92 38.89
N ALA C 51 12.06 -10.46 39.70
CA ALA C 51 13.21 -11.27 40.09
C ALA C 51 12.72 -12.55 40.77
N GLU C 52 11.61 -12.45 41.49
CA GLU C 52 11.03 -13.61 42.18
C GLU C 52 10.72 -14.74 41.16
N GLU C 53 10.00 -14.38 40.09
CA GLU C 53 9.60 -15.30 39.03
C GLU C 53 10.76 -15.51 38.06
N PHE C 54 11.61 -14.50 37.93
CA PHE C 54 12.75 -14.59 37.03
C PHE C 54 13.63 -15.77 37.44
N LYS C 55 13.79 -15.92 38.75
CA LYS C 55 14.59 -16.99 39.34
C LYS C 55 14.07 -18.31 38.78
N GLN C 56 12.75 -18.47 38.80
CA GLN C 56 12.08 -19.68 38.34
C GLN C 56 12.42 -20.04 36.89
N ILE C 57 12.45 -19.05 36.01
CA ILE C 57 12.77 -19.24 34.61
C ILE C 57 14.23 -19.66 34.46
N LYS C 58 15.10 -18.92 35.15
CA LYS C 58 16.54 -19.19 35.12
C LYS C 58 16.87 -20.66 35.43
N ALA C 59 16.13 -21.22 36.38
CA ALA C 59 16.33 -22.60 36.81
C ALA C 59 15.88 -23.65 35.81
N LYS C 60 14.58 -23.67 35.50
CA LYS C 60 14.02 -24.66 34.57
C LYS C 60 14.26 -24.43 33.05
N ALA C 61 14.75 -23.26 32.69
CA ALA C 61 15.01 -22.98 31.28
C ALA C 61 16.19 -23.80 30.82
N LYS C 62 15.94 -24.77 29.93
CA LYS C 62 16.99 -25.61 29.36
C LYS C 62 17.88 -24.81 28.40
N LYS C 63 17.77 -23.49 28.48
CA LYS C 63 18.57 -22.57 27.66
C LYS C 63 18.03 -21.14 27.83
N LEU C 64 18.90 -20.22 28.19
CA LEU C 64 18.49 -18.84 28.38
C LEU C 64 19.31 -17.88 27.52
N VAL C 65 18.72 -16.72 27.22
CA VAL C 65 19.38 -15.70 26.40
C VAL C 65 18.98 -14.30 26.89
N ALA C 67 18.98 -9.84 26.36
CA ALA C 67 18.85 -8.80 25.36
C ALA C 67 19.01 -7.44 26.00
N PRO C 68 19.74 -6.54 25.32
CA PRO C 68 19.99 -5.17 25.80
C PRO C 68 18.70 -4.39 26.10
N ALA C 69 18.83 -3.33 26.89
CA ALA C 69 17.71 -2.46 27.24
C ALA C 69 17.33 -1.62 25.99
N GLU C 70 18.34 -1.03 25.36
CA GLU C 70 18.17 -0.25 24.13
C GLU C 70 18.52 -1.14 22.94
N LYS C 71 17.70 -1.04 21.90
CA LYS C 71 17.90 -1.84 20.71
C LYS C 71 16.87 -1.48 19.64
N ASN C 72 17.02 -2.06 18.46
CA ASN C 72 16.13 -1.79 17.35
C ASN C 72 15.21 -2.97 17.09
N ASP C 73 15.27 -3.97 17.96
CA ASP C 73 14.43 -5.15 17.76
C ASP C 73 13.50 -5.43 18.92
N THR C 74 12.35 -6.02 18.61
CA THR C 74 11.37 -6.39 19.62
C THR C 74 11.83 -7.71 20.19
N ASP C 75 11.58 -7.95 21.48
CA ASP C 75 12.00 -9.21 22.08
C ASP C 75 11.50 -10.42 21.26
N THR C 76 10.34 -10.25 20.61
CA THR C 76 9.78 -11.29 19.80
C THR C 76 10.63 -11.44 18.56
N GLU C 77 11.06 -10.30 18.01
CA GLU C 77 11.91 -10.32 16.81
C GLU C 77 13.24 -10.98 17.16
N LEU C 78 13.70 -10.73 18.39
CA LEU C 78 14.96 -11.26 18.89
C LEU C 78 14.90 -12.77 18.92
N ALA C 79 13.75 -13.32 19.32
CA ALA C 79 13.59 -14.75 19.37
C ALA C 79 13.61 -15.38 17.98
N LEU C 80 12.72 -14.94 17.11
CA LEU C 80 12.67 -15.49 15.76
C LEU C 80 14.05 -15.55 15.08
N LYS C 81 14.82 -14.48 15.24
CA LYS C 81 16.17 -14.40 14.67
C LYS C 81 17.07 -15.43 15.35
N THR C 82 17.13 -15.39 16.68
CA THR C 82 17.92 -16.32 17.46
C THR C 82 17.68 -17.77 17.03
N ILE C 83 16.42 -18.14 16.91
CA ILE C 83 16.07 -19.49 16.48
C ILE C 83 16.55 -19.77 15.05
N PHE C 84 16.01 -19.03 14.08
CA PHE C 84 16.39 -19.26 12.68
C PHE C 84 17.89 -19.37 12.53
N ASP C 85 18.62 -18.65 13.38
CA ASP C 85 20.07 -18.70 13.36
C ASP C 85 20.50 -20.14 13.53
N CYS C 86 20.35 -20.65 14.75
CA CYS C 86 20.72 -22.03 15.02
C CYS C 86 19.50 -22.93 15.01
N PHE C 87 18.98 -23.20 13.81
CA PHE C 87 17.82 -24.06 13.59
C PHE C 87 17.44 -24.02 12.12
N GLY C 88 17.73 -22.90 11.47
CA GLY C 88 17.44 -22.77 10.07
C GLY C 88 15.96 -22.72 9.77
N ARG C 89 15.63 -22.95 8.51
CA ARG C 89 14.24 -22.92 8.10
C ARG C 89 13.40 -24.00 8.78
N VAL C 90 12.88 -23.70 9.96
CA VAL C 90 12.04 -24.63 10.70
C VAL C 90 10.62 -24.05 10.72
N GLU C 91 9.71 -24.72 11.41
CA GLU C 91 8.31 -24.28 11.52
C GLU C 91 8.07 -23.61 12.88
N ILE C 92 7.50 -22.41 12.85
CA ILE C 92 7.23 -21.68 14.08
C ILE C 92 5.85 -21.04 14.15
N ILE C 93 5.10 -21.34 15.19
CA ILE C 93 3.78 -20.76 15.40
C ILE C 93 3.91 -19.85 16.62
N VAL C 94 3.71 -18.56 16.42
CA VAL C 94 3.83 -17.61 17.53
C VAL C 94 2.51 -17.30 18.17
N PHE C 95 2.43 -17.50 19.48
CA PHE C 95 1.23 -17.22 20.28
C PHE C 95 1.42 -15.93 21.09
N GLY C 96 0.31 -15.31 21.51
CA GLY C 96 0.36 -14.08 22.27
C GLY C 96 0.99 -12.94 21.51
N ALA C 97 0.94 -13.01 20.17
CA ALA C 97 1.51 -11.97 19.33
C ALA C 97 0.57 -10.77 19.21
N PHE C 98 -0.66 -10.92 19.67
CA PHE C 98 -1.65 -9.84 19.61
C PHE C 98 -2.17 -9.45 20.99
N GLY C 99 -3.03 -8.46 21.03
CA GLY C 99 -3.59 -8.03 22.29
C GLY C 99 -2.80 -6.99 23.06
N GLY C 100 -3.50 -5.93 23.48
CA GLY C 100 -2.87 -4.87 24.25
C GLY C 100 -2.49 -3.65 23.45
N ARG C 101 -1.20 -3.54 23.17
CA ARG C 101 -0.68 -2.41 22.42
C ARG C 101 -0.68 -2.62 20.91
N ILE C 102 -1.48 -1.83 20.23
CA ILE C 102 -1.59 -1.88 18.77
C ILE C 102 -0.24 -1.78 18.07
N ASP C 103 0.68 -1.01 18.64
CA ASP C 103 2.00 -0.86 18.00
C ASP C 103 2.76 -2.16 18.12
N HIS C 104 2.58 -2.85 19.23
CA HIS C 104 3.25 -4.11 19.44
C HIS C 104 2.68 -5.17 18.52
N LEU C 106 1.17 -4.60 15.53
CA LEU C 106 1.57 -4.29 14.17
C LEU C 106 2.99 -4.78 13.92
N SER C 107 3.84 -4.64 14.92
CA SER C 107 5.23 -5.09 14.82
C SER C 107 5.30 -6.58 14.38
N ASN C 108 4.39 -7.38 14.93
CA ASN C 108 4.33 -8.79 14.61
C ASN C 108 3.63 -9.00 13.28
N ILE C 109 2.67 -8.14 12.97
CA ILE C 109 1.93 -8.24 11.71
C ILE C 109 2.86 -8.07 10.51
N PHE C 110 3.90 -7.25 10.68
CA PHE C 110 4.84 -6.99 9.59
C PHE C 110 6.27 -7.46 9.88
N LEU C 111 6.39 -8.51 10.68
CA LEU C 111 7.70 -9.04 11.03
C LEU C 111 8.60 -9.28 9.81
N PRO C 112 8.03 -9.83 8.73
CA PRO C 112 8.83 -10.07 7.52
C PRO C 112 9.47 -8.83 6.93
N SER C 113 9.02 -7.67 7.36
CA SER C 113 9.57 -6.41 6.85
C SER C 113 11.03 -6.26 7.26
N ASP C 114 11.43 -6.93 8.34
CA ASP C 114 12.81 -6.91 8.82
C ASP C 114 13.66 -7.76 7.87
N PRO C 115 14.73 -7.17 7.30
CA PRO C 115 15.64 -7.84 6.37
C PRO C 115 15.98 -9.27 6.74
N ASP C 116 16.40 -9.48 7.99
CA ASP C 116 16.80 -10.80 8.47
C ASP C 116 15.66 -11.81 8.46
N LEU C 117 14.46 -11.39 8.82
CA LEU C 117 13.31 -12.31 8.84
C LEU C 117 12.71 -12.62 7.47
N ALA C 118 12.74 -11.65 6.57
CA ALA C 118 12.19 -11.80 5.22
C ALA C 118 12.48 -13.16 4.60
N PRO C 119 13.76 -13.60 4.60
CA PRO C 119 14.11 -14.88 4.02
C PRO C 119 13.40 -16.06 4.63
N PHE C 120 12.87 -15.90 5.85
CA PHE C 120 12.15 -16.97 6.53
C PHE C 120 10.66 -16.69 6.81
N ARG C 122 8.26 -17.57 5.39
CA ARG C 122 7.48 -18.77 5.10
C ARG C 122 7.53 -19.77 6.26
N CYS C 123 8.45 -19.52 7.19
CA CYS C 123 8.63 -20.39 8.34
C CYS C 123 7.84 -20.05 9.59
N PHE C 124 7.41 -18.81 9.75
CA PHE C 124 6.66 -18.45 10.95
C PHE C 124 5.24 -17.91 10.72
N LYS C 125 4.30 -18.35 11.55
CA LYS C 125 2.90 -17.95 11.49
C LYS C 125 2.50 -17.35 12.83
N LEU C 126 1.50 -16.46 12.80
CA LEU C 126 0.96 -15.81 13.99
C LEU C 126 -0.42 -16.43 14.23
N ARG C 127 -0.63 -16.95 15.43
CA ARG C 127 -1.89 -17.58 15.77
C ARG C 127 -2.45 -17.07 17.10
N ASP C 128 -3.74 -17.30 17.31
CA ASP C 128 -4.40 -16.90 18.54
C ASP C 128 -5.81 -17.46 18.47
N GLU C 129 -6.62 -17.11 19.46
CA GLU C 129 -7.99 -17.60 19.57
C GLU C 129 -8.74 -17.73 18.24
N GLN C 130 -8.89 -16.62 17.53
CA GLN C 130 -9.62 -16.61 16.26
C GLN C 130 -8.90 -15.98 15.06
N ASN C 131 -7.57 -16.14 14.99
CA ASN C 131 -6.82 -15.59 13.88
C ASN C 131 -5.64 -16.46 13.47
N LEU C 132 -5.18 -16.27 12.24
CA LEU C 132 -4.05 -17.01 11.70
C LEU C 132 -3.36 -16.14 10.66
N VAL C 133 -2.09 -15.81 10.90
CA VAL C 133 -1.34 -14.96 9.97
C VAL C 133 -0.20 -15.68 9.25
N GLU C 134 -0.24 -15.68 7.93
CA GLU C 134 0.78 -16.32 7.12
C GLU C 134 1.44 -15.29 6.20
N PHE C 135 2.72 -15.49 5.90
CA PHE C 135 3.46 -14.56 5.06
C PHE C 135 4.00 -15.23 3.80
N PHE C 136 3.74 -14.60 2.65
CA PHE C 136 4.21 -15.12 1.37
C PHE C 136 5.02 -14.07 0.60
N PRO C 137 6.13 -14.48 -0.02
CA PRO C 137 6.96 -13.57 -0.79
C PRO C 137 6.25 -13.12 -2.07
N ALA C 138 6.92 -12.28 -2.86
CA ALA C 138 6.34 -11.82 -4.10
C ALA C 138 6.14 -13.01 -5.05
N GLY C 139 5.36 -12.79 -6.11
CA GLY C 139 5.10 -13.86 -7.07
C GLY C 139 3.77 -14.53 -6.86
N GLN C 140 3.47 -15.51 -7.71
CA GLN C 140 2.23 -16.26 -7.63
C GLN C 140 2.24 -17.30 -6.52
N HIS C 141 1.10 -17.48 -5.87
CA HIS C 141 0.98 -18.45 -4.79
C HIS C 141 -0.42 -19.01 -4.72
N GLN C 142 -0.60 -19.95 -3.80
CA GLN C 142 -1.89 -20.57 -3.55
C GLN C 142 -2.04 -20.90 -2.06
N ILE C 143 -3.27 -20.86 -1.57
CA ILE C 143 -3.48 -21.16 -0.17
C ILE C 143 -4.79 -21.89 0.07
N GLU C 144 -4.73 -22.92 0.93
CA GLU C 144 -5.91 -23.70 1.26
C GLU C 144 -6.47 -23.18 2.57
N GLN C 145 -7.79 -23.16 2.65
CA GLN C 145 -8.49 -22.66 3.83
C GLN C 145 -8.16 -23.44 5.09
N ALA C 146 -7.76 -22.73 6.13
CA ALA C 146 -7.44 -23.35 7.41
C ALA C 146 -8.70 -24.08 7.86
N THR C 147 -8.51 -25.22 8.50
CA THR C 147 -9.64 -26.03 8.94
C THR C 147 -10.59 -25.33 9.92
N ASP C 148 -10.04 -24.49 10.77
CA ASP C 148 -10.86 -23.84 11.79
C ASP C 148 -11.39 -22.46 11.41
N VAL C 150 -12.93 -19.26 8.76
CA VAL C 150 -14.03 -19.05 7.81
C VAL C 150 -13.71 -17.95 6.81
N TYR C 151 -13.04 -16.91 7.28
CA TYR C 151 -12.68 -15.78 6.43
C TYR C 151 -11.16 -15.76 6.07
N ILE C 152 -10.83 -14.93 5.09
CA ILE C 152 -9.45 -14.74 4.64
C ILE C 152 -9.24 -13.33 4.09
N SER C 153 -8.07 -12.75 4.34
CA SER C 153 -7.76 -11.39 3.92
C SER C 153 -6.35 -11.32 3.39
N PHE C 154 -6.14 -10.50 2.37
CA PHE C 154 -4.82 -10.33 1.77
C PHE C 154 -4.39 -8.88 1.87
N ALA C 156 -1.05 -6.27 0.70
CA ALA C 156 0.24 -5.98 0.13
C ALA C 156 0.97 -5.07 1.11
N ALA C 157 1.89 -5.66 1.88
CA ALA C 157 2.65 -4.93 2.88
C ALA C 157 3.12 -3.52 2.55
N ASN C 158 3.42 -3.24 1.28
CA ASN C 158 3.90 -1.91 0.90
C ASN C 158 3.27 -1.24 -0.31
N GLY C 159 1.99 -1.50 -0.55
CA GLY C 159 1.36 -0.83 -1.65
C GLY C 159 1.35 -1.51 -3.00
N ALA C 160 2.00 -2.65 -3.09
CA ALA C 160 2.04 -3.38 -4.36
C ALA C 160 0.64 -3.82 -4.78
N HIS C 161 0.41 -3.99 -6.07
CA HIS C 161 -0.90 -4.40 -6.55
C HIS C 161 -1.11 -5.88 -6.29
N LEU C 162 -2.30 -6.24 -5.80
CA LEU C 162 -2.65 -7.63 -5.50
C LEU C 162 -3.47 -8.33 -6.57
N SER C 163 -3.37 -9.65 -6.59
CA SER C 163 -4.11 -10.46 -7.56
C SER C 163 -4.75 -11.55 -6.72
N ILE C 164 -6.07 -11.64 -6.79
CA ILE C 164 -6.79 -12.64 -6.04
C ILE C 164 -7.88 -13.24 -6.90
N GLN C 165 -7.84 -14.57 -7.06
CA GLN C 165 -8.83 -15.28 -7.84
C GLN C 165 -9.30 -16.61 -7.24
N ASP C 166 -10.48 -17.06 -7.65
CA ASP C 166 -11.05 -18.32 -7.17
C ASP C 166 -11.58 -18.21 -5.75
N ALA C 167 -11.71 -16.96 -5.26
CA ALA C 167 -12.24 -16.67 -3.93
C ALA C 167 -13.62 -16.07 -4.14
N LYS C 168 -14.41 -15.97 -3.08
CA LYS C 168 -15.73 -15.43 -3.24
C LYS C 168 -15.65 -14.06 -3.91
N TYR C 169 -14.61 -13.30 -3.57
CA TYR C 169 -14.39 -11.97 -4.13
C TYR C 169 -13.03 -11.99 -4.81
N GLU C 170 -13.01 -11.60 -6.09
CA GLU C 170 -11.76 -11.57 -6.86
C GLU C 170 -11.27 -10.16 -7.12
N LEU C 171 -9.95 -9.97 -7.03
CA LEU C 171 -9.36 -8.65 -7.26
C LEU C 171 -8.50 -8.69 -8.51
N THR C 172 -9.13 -8.36 -9.63
CA THR C 172 -8.47 -8.35 -10.93
C THR C 172 -8.26 -6.91 -11.40
N GLU C 173 -7.20 -6.70 -12.18
CA GLU C 173 -6.90 -5.37 -12.69
C GLU C 173 -8.06 -4.71 -13.37
N GLU C 174 -9.11 -5.48 -13.63
CA GLU C 174 -10.30 -4.97 -14.31
C GLU C 174 -11.26 -4.36 -13.31
N ASN C 175 -11.58 -5.12 -12.27
CA ASN C 175 -12.51 -4.67 -11.23
C ASN C 175 -11.75 -4.08 -10.05
N TYR C 176 -10.47 -3.80 -10.26
CA TYR C 176 -9.63 -3.25 -9.21
C TYR C 176 -10.11 -1.95 -8.58
N PHE C 177 -9.82 -1.82 -7.28
CA PHE C 177 -10.16 -0.66 -6.47
C PHE C 177 -9.13 -0.57 -5.34
N GLN C 178 -8.85 0.63 -4.88
CA GLN C 178 -7.82 0.81 -3.86
C GLN C 178 -8.23 0.50 -2.46
N LYS C 179 -7.39 -0.27 -1.78
CA LYS C 179 -7.60 -0.67 -0.38
C LYS C 179 -6.26 -1.22 0.09
N LYS C 180 -5.93 -1.01 1.37
CA LYS C 180 -4.67 -1.48 1.92
C LYS C 180 -4.80 -2.95 2.32
N ILE C 181 -5.99 -3.32 2.76
CA ILE C 181 -6.25 -4.69 3.17
C ILE C 181 -7.65 -5.16 2.78
N TYR C 182 -7.70 -6.08 1.83
CA TYR C 182 -8.97 -6.62 1.40
C TYR C 182 -9.36 -7.72 2.39
N SER C 183 -10.33 -7.43 3.24
CA SER C 183 -10.73 -8.42 4.26
C SER C 183 -12.11 -9.02 4.05
N SER C 184 -12.50 -9.91 4.97
CA SER C 184 -13.80 -10.56 4.92
C SER C 184 -14.08 -11.35 3.63
N ASN C 185 -13.04 -11.91 3.04
CA ASN C 185 -13.23 -12.70 1.85
C ASN C 185 -13.37 -14.15 2.29
N GLU C 186 -13.81 -15.02 1.39
CA GLU C 186 -13.95 -16.44 1.71
C GLU C 186 -13.55 -17.40 0.58
N PHE C 187 -13.72 -18.70 0.82
CA PHE C 187 -13.35 -19.72 -0.16
C PHE C 187 -14.57 -20.34 -0.83
N LYS C 188 -14.35 -20.99 -1.96
CA LYS C 188 -15.43 -21.64 -2.68
C LYS C 188 -15.05 -23.08 -3.05
N ASP C 189 -14.58 -23.84 -2.06
CA ASP C 189 -14.18 -25.25 -2.25
C ASP C 189 -12.94 -25.47 -3.10
N LYS C 190 -12.09 -24.44 -3.24
CA LYS C 190 -10.87 -24.58 -4.04
C LYS C 190 -9.79 -23.64 -3.57
N PRO C 191 -8.51 -24.06 -3.72
CA PRO C 191 -7.38 -23.22 -3.31
C PRO C 191 -7.45 -21.84 -3.95
N ILE C 192 -7.07 -20.80 -3.21
CA ILE C 192 -7.09 -19.45 -3.74
C ILE C 192 -5.71 -19.07 -4.33
N CYS C 193 -5.74 -18.35 -5.46
CA CYS C 193 -4.51 -17.96 -6.14
C CYS C 193 -4.31 -16.46 -5.99
N PHE C 194 -3.27 -16.09 -5.27
CA PHE C 194 -2.95 -14.69 -5.07
C PHE C 194 -1.49 -14.45 -5.42
N SER C 195 -1.22 -13.31 -6.03
CA SER C 195 0.14 -12.96 -6.43
C SER C 195 0.42 -11.48 -6.30
N VAL C 196 1.70 -11.14 -6.15
CA VAL C 196 2.12 -9.74 -6.03
C VAL C 196 3.52 -9.56 -6.65
N ALA C 197 3.70 -8.47 -7.38
CA ALA C 197 4.98 -8.21 -8.04
C ALA C 197 6.14 -8.02 -7.06
N SER C 198 6.10 -6.93 -6.31
CA SER C 198 7.15 -6.64 -5.35
C SER C 198 6.74 -6.91 -3.90
N GLY C 199 7.71 -6.75 -2.99
CA GLY C 199 7.49 -6.93 -1.57
C GLY C 199 6.91 -8.28 -1.22
N TYR C 200 6.17 -8.34 -0.12
CA TYR C 200 5.55 -9.58 0.31
C TYR C 200 4.06 -9.39 0.60
N VAL C 201 3.41 -10.47 1.07
CA VAL C 201 1.98 -10.44 1.37
C VAL C 201 1.72 -10.95 2.77
N VAL C 202 0.70 -10.40 3.41
CA VAL C 202 0.32 -10.78 4.76
C VAL C 202 -1.06 -11.43 4.69
N VAL C 203 -1.09 -12.76 4.63
CA VAL C 203 -2.35 -13.50 4.56
C VAL C 203 -2.91 -13.69 5.97
N ILE C 204 -4.16 -13.30 6.16
CA ILE C 204 -4.80 -13.40 7.46
C ILE C 204 -6.12 -14.14 7.40
N GLN C 205 -6.21 -15.26 8.11
CA GLN C 205 -7.45 -16.02 8.14
C GLN C 205 -8.08 -15.77 9.50
N THR C 206 -9.39 -15.61 9.56
CA THR C 206 -10.04 -15.35 10.83
C THR C 206 -11.50 -15.80 10.89
N LYS C 207 -12.06 -15.91 12.10
CA LYS C 207 -13.47 -16.27 12.27
C LYS C 207 -14.13 -15.39 13.32
N ASP C 208 -15.32 -15.78 13.77
CA ASP C 208 -16.10 -15.03 14.77
C ASP C 208 -16.70 -13.73 14.19
#